data_4PYL
#
_entry.id   4PYL
#
_cell.length_a   49.813
_cell.length_b   49.813
_cell.length_c   167.467
_cell.angle_alpha   90.00
_cell.angle_beta   90.00
_cell.angle_gamma   120.00
#
_symmetry.space_group_name_H-M   'P 32 2 1'
#
loop_
_entity.id
_entity.type
_entity.pdbx_description
1 polymer 'Catechol O-methyltransferase'
2 non-polymer 'MAGNESIUM ION'
3 non-polymer SINEFUNGIN
4 non-polymer Tolcapone
5 water water
#
_entity_poly.entity_id   1
_entity_poly.type   'polypeptide(L)'
_entity_poly.pdbx_seq_one_letter_code
;MGDTKEQRILRYVQQNAKPGDPQSVLEAIDTYCTQKEWAMNVGDAKGQIMDAVIREYSPSLVLELGAYCGYSAVRMARLL
QPGARLLTMEMNPDYAAITQQMLNFAGLQDKVTILNGASQDLIPQLKKKYDVDTLDMVFLDHWKDRYLPDTLLLEKCGLL
RKGTVLLADNVIVPGTPDFLAYVRGSSSFECTHYSSYLEYMKVVDGLEKAIYQGPSSPDKS
;
_entity_poly.pdbx_strand_id   A
#
# COMPACT_ATOMS: atom_id res chain seq x y z
N THR A 4 -0.49 -14.21 -18.04
CA THR A 4 -1.35 -13.37 -17.23
C THR A 4 -1.03 -11.89 -17.44
N LYS A 5 -2.02 -11.04 -17.16
CA LYS A 5 -1.81 -9.60 -17.24
C LYS A 5 -0.60 -9.16 -16.42
N GLU A 6 -0.40 -9.83 -15.30
CA GLU A 6 0.65 -9.47 -14.34
C GLU A 6 2.02 -9.94 -14.83
N GLN A 7 2.05 -11.05 -15.54
CA GLN A 7 3.28 -11.47 -16.21
C GLN A 7 3.65 -10.44 -17.27
N ARG A 8 2.63 -9.96 -17.97
CA ARG A 8 2.82 -9.00 -19.05
C ARG A 8 3.49 -7.74 -18.52
N ILE A 9 2.97 -7.24 -17.40
CA ILE A 9 3.48 -6.02 -16.80
C ILE A 9 4.92 -6.24 -16.30
N LEU A 10 5.15 -7.34 -15.59
CA LEU A 10 6.49 -7.61 -15.08
C LEU A 10 7.50 -7.69 -16.22
N ARG A 11 7.15 -8.40 -17.29
CA ARG A 11 8.04 -8.58 -18.43
C ARG A 11 8.29 -7.24 -19.12
N TYR A 12 7.24 -6.42 -19.21
CA TYR A 12 7.34 -5.12 -19.85
C TYR A 12 8.35 -4.26 -19.11
N VAL A 13 8.34 -4.35 -17.79
CA VAL A 13 9.27 -3.59 -16.98
C VAL A 13 10.70 -4.12 -17.19
N GLN A 14 10.87 -5.43 -17.12
CA GLN A 14 12.17 -6.06 -17.32
C GLN A 14 12.85 -5.60 -18.61
N GLN A 15 12.03 -5.36 -19.63
CA GLN A 15 12.53 -4.96 -20.94
C GLN A 15 12.71 -3.46 -21.10
N ASN A 16 11.85 -2.66 -20.48
CA ASN A 16 11.81 -1.23 -20.73
C ASN A 16 12.36 -0.36 -19.60
N ALA A 17 12.44 -0.91 -18.40
CA ALA A 17 12.95 -0.15 -17.28
C ALA A 17 14.43 -0.43 -17.01
N LYS A 18 15.06 0.46 -16.26
CA LYS A 18 16.43 0.33 -15.83
C LYS A 18 16.49 -0.39 -14.47
N PRO A 19 17.32 -1.43 -14.36
CA PRO A 19 17.40 -2.16 -13.08
C PRO A 19 18.07 -1.32 -11.98
N GLY A 20 17.55 -1.43 -10.76
CA GLY A 20 18.06 -0.66 -9.65
C GLY A 20 17.51 0.75 -9.60
N ASP A 21 16.59 1.08 -10.51
CA ASP A 21 16.03 2.43 -10.61
C ASP A 21 14.52 2.42 -10.42
N PRO A 22 14.08 2.57 -9.16
CA PRO A 22 12.67 2.53 -8.79
C PRO A 22 11.78 3.47 -9.60
N GLN A 23 12.34 4.58 -10.07
CA GLN A 23 11.54 5.55 -10.82
C GLN A 23 11.12 4.98 -12.16
N SER A 24 12.06 4.38 -12.86
CA SER A 24 11.81 3.86 -14.19
C SER A 24 10.89 2.67 -14.12
N VAL A 25 11.01 1.92 -13.03
CA VAL A 25 10.10 0.81 -12.75
C VAL A 25 8.67 1.33 -12.72
N LEU A 26 8.43 2.30 -11.85
CA LEU A 26 7.11 2.94 -11.73
C LEU A 26 6.62 3.48 -13.07
N GLU A 27 7.50 4.14 -13.80
CA GLU A 27 7.10 4.86 -15.01
C GLU A 27 6.75 3.91 -16.12
N ALA A 28 7.49 2.82 -16.22
CA ALA A 28 7.16 1.78 -17.18
C ALA A 28 5.85 1.07 -16.79
N ILE A 29 5.67 0.80 -15.50
CA ILE A 29 4.43 0.18 -15.06
C ILE A 29 3.22 1.06 -15.43
N ASP A 30 3.38 2.35 -15.23
CA ASP A 30 2.33 3.32 -15.55
C ASP A 30 2.07 3.48 -17.03
N THR A 31 3.14 3.55 -17.82
CA THR A 31 3.02 3.68 -19.27
C THR A 31 2.21 2.50 -19.82
N TYR A 32 2.54 1.30 -19.36
CA TYR A 32 1.90 0.10 -19.86
C TYR A 32 0.42 0.05 -19.53
N CYS A 33 0.07 0.42 -18.31
CA CYS A 33 -1.32 0.34 -17.87
C CYS A 33 -2.16 1.48 -18.43
N THR A 34 -1.49 2.59 -18.73
CA THR A 34 -2.12 3.73 -19.38
C THR A 34 -2.41 3.43 -20.85
N GLN A 35 -1.42 2.83 -21.51
CA GLN A 35 -1.48 2.59 -22.95
C GLN A 35 -2.00 1.21 -23.36
N LYS A 36 -1.82 0.19 -22.52
CA LYS A 36 -2.19 -1.16 -22.91
C LYS A 36 -3.28 -1.80 -22.03
N GLU A 37 -2.92 -2.20 -20.81
CA GLU A 37 -3.87 -2.89 -19.93
C GLU A 37 -4.06 -2.21 -18.59
N TRP A 38 -5.24 -1.66 -18.36
CA TRP A 38 -5.60 -1.13 -17.05
C TRP A 38 -5.23 -2.13 -15.97
N ALA A 39 -4.74 -1.64 -14.84
CA ALA A 39 -4.40 -2.51 -13.72
C ALA A 39 -4.66 -1.76 -12.42
N MET A 40 -4.99 -2.49 -11.36
CA MET A 40 -5.35 -1.84 -10.10
C MET A 40 -4.12 -1.40 -9.28
N ASN A 41 -3.15 -0.81 -9.96
CA ASN A 41 -2.05 -0.11 -9.30
C ASN A 41 -2.59 1.19 -8.73
N VAL A 42 -2.05 1.68 -7.63
CA VAL A 42 -2.55 2.95 -7.13
C VAL A 42 -2.32 4.05 -8.19
N GLY A 43 -1.29 3.88 -9.02
CA GLY A 43 -1.06 4.80 -10.11
C GLY A 43 -0.33 6.08 -9.71
N ASP A 44 -0.01 6.91 -10.69
CA ASP A 44 0.85 8.05 -10.43
C ASP A 44 0.20 9.24 -9.69
N ALA A 45 -1.04 9.56 -10.03
CA ALA A 45 -1.70 10.72 -9.44
C ALA A 45 -1.93 10.53 -7.94
N LYS A 46 -2.51 9.39 -7.56
CA LYS A 46 -2.67 9.11 -6.15
C LYS A 46 -1.30 8.78 -5.56
N GLY A 47 -0.42 8.16 -6.34
CA GLY A 47 0.90 7.80 -5.84
C GLY A 47 1.70 9.02 -5.39
N GLN A 48 1.54 10.13 -6.11
CA GLN A 48 2.21 11.37 -5.74
C GLN A 48 1.70 11.89 -4.40
N ILE A 49 0.45 11.58 -4.07
CA ILE A 49 -0.05 11.94 -2.76
C ILE A 49 0.50 11.00 -1.68
N MET A 50 0.59 9.71 -2.00
CA MET A 50 1.27 8.77 -1.13
C MET A 50 2.67 9.28 -0.84
N ASP A 51 3.39 9.61 -1.91
CA ASP A 51 4.78 10.07 -1.77
C ASP A 51 4.86 11.20 -0.76
N ALA A 52 4.01 12.20 -0.95
CA ALA A 52 3.87 13.34 -0.07
C ALA A 52 3.62 12.93 1.40
N VAL A 53 2.67 12.04 1.63
CA VAL A 53 2.40 11.53 2.97
C VAL A 53 3.60 10.74 3.55
N ILE A 54 4.29 9.97 2.72
CA ILE A 54 5.45 9.20 3.20
C ILE A 54 6.55 10.16 3.59
N ARG A 55 6.84 11.12 2.70
CA ARG A 55 7.89 12.07 2.98
C ARG A 55 7.59 12.85 4.24
N GLU A 56 6.32 13.07 4.53
CA GLU A 56 5.93 13.85 5.71
C GLU A 56 6.21 13.11 7.02
N TYR A 57 5.88 11.83 7.06
CA TYR A 57 5.89 11.10 8.32
C TYR A 57 7.13 10.22 8.53
N SER A 58 7.98 10.13 7.51
CA SER A 58 9.14 9.23 7.48
C SER A 58 9.00 7.99 8.37
N PRO A 59 8.01 7.13 8.04
CA PRO A 59 7.77 5.92 8.85
C PRO A 59 8.99 5.01 8.82
N SER A 60 9.29 4.38 9.96
CA SER A 60 10.33 3.36 10.03
C SER A 60 9.77 1.99 9.63
N LEU A 61 8.47 1.82 9.83
CA LEU A 61 7.80 0.56 9.55
C LEU A 61 6.45 0.82 8.89
N VAL A 62 6.29 0.35 7.66
CA VAL A 62 5.01 0.45 6.96
C VAL A 62 4.42 -0.95 6.70
N LEU A 63 3.11 -1.08 6.89
CA LEU A 63 2.41 -2.30 6.51
C LEU A 63 1.52 -1.98 5.32
N GLU A 64 1.69 -2.73 4.24
CA GLU A 64 0.85 -2.55 3.08
C GLU A 64 -0.11 -3.74 2.95
N LEU A 65 -1.39 -3.44 2.79
CA LEU A 65 -2.37 -4.48 2.59
C LEU A 65 -2.73 -4.59 1.12
N GLY A 66 -2.16 -5.57 0.43
CA GLY A 66 -2.41 -5.77 -0.99
C GLY A 66 -1.26 -5.26 -1.81
N ALA A 67 -0.40 -6.17 -2.26
CA ALA A 67 0.81 -5.79 -2.98
C ALA A 67 0.61 -5.81 -4.49
N TYR A 68 -0.19 -6.77 -4.96
CA TYR A 68 -0.48 -6.96 -6.37
C TYR A 68 0.80 -7.21 -7.18
N CYS A 69 1.21 -6.24 -7.99
CA CYS A 69 2.43 -6.37 -8.80
C CYS A 69 3.61 -5.60 -8.21
N GLY A 70 3.40 -4.96 -7.07
CA GLY A 70 4.48 -4.30 -6.37
C GLY A 70 4.65 -2.82 -6.68
N TYR A 71 3.72 -2.28 -7.47
CA TYR A 71 3.81 -0.88 -7.86
C TYR A 71 3.83 0.08 -6.65
N SER A 72 2.92 -0.08 -5.68
CA SER A 72 2.91 0.83 -4.54
C SER A 72 4.04 0.49 -3.57
N ALA A 73 4.41 -0.78 -3.49
CA ALA A 73 5.54 -1.18 -2.69
C ALA A 73 6.81 -0.52 -3.22
N VAL A 74 6.95 -0.49 -4.55
CA VAL A 74 8.11 0.17 -5.14
C VAL A 74 8.02 1.66 -4.89
N ARG A 75 6.80 2.17 -5.06
CA ARG A 75 6.49 3.57 -4.84
C ARG A 75 6.89 3.99 -3.41
N MET A 76 6.45 3.23 -2.42
CA MET A 76 6.78 3.56 -1.04
C MET A 76 8.21 3.25 -0.66
N ALA A 77 8.70 2.05 -0.99
CA ALA A 77 10.04 1.61 -0.57
C ALA A 77 11.14 2.57 -0.98
N ARG A 78 11.01 3.16 -2.17
CA ARG A 78 12.08 4.05 -2.65
C ARG A 78 12.19 5.29 -1.78
N LEU A 79 11.13 5.61 -1.04
CA LEU A 79 11.14 6.77 -0.17
C LEU A 79 11.54 6.40 1.25
N LEU A 80 11.73 5.12 1.50
CA LEU A 80 12.06 4.67 2.84
C LEU A 80 13.49 5.02 3.22
N GLN A 81 13.63 5.54 4.45
CA GLN A 81 14.91 5.90 5.07
C GLN A 81 15.81 4.67 5.25
N PRO A 82 17.10 4.86 5.59
CA PRO A 82 17.88 3.63 5.78
C PRO A 82 17.43 2.87 7.02
N GLY A 83 17.15 1.58 6.85
CA GLY A 83 16.73 0.75 7.96
C GLY A 83 15.22 0.64 8.07
N ALA A 84 14.51 1.59 7.47
CA ALA A 84 13.06 1.50 7.42
C ALA A 84 12.64 0.22 6.72
N ARG A 85 11.53 -0.36 7.17
CA ARG A 85 11.03 -1.60 6.61
C ARG A 85 9.61 -1.43 6.10
N LEU A 86 9.35 -1.94 4.91
CA LEU A 86 7.98 -2.08 4.44
C LEU A 86 7.63 -3.54 4.53
N LEU A 87 6.47 -3.84 5.10
CA LEU A 87 5.93 -5.20 5.08
C LEU A 87 4.70 -5.18 4.22
N THR A 88 4.57 -6.14 3.31
CA THR A 88 3.40 -6.11 2.46
C THR A 88 2.69 -7.47 2.40
N MET A 89 1.38 -7.43 2.53
CA MET A 89 0.59 -8.64 2.53
C MET A 89 -0.11 -8.85 1.19
N GLU A 90 0.08 -10.01 0.60
CA GLU A 90 -0.56 -10.35 -0.66
C GLU A 90 -1.01 -11.82 -0.62
N MET A 91 -2.31 -12.05 -0.75
CA MET A 91 -2.86 -13.40 -0.57
C MET A 91 -2.77 -14.25 -1.83
N ASN A 92 -2.66 -13.60 -2.97
CA ASN A 92 -2.49 -14.28 -4.24
C ASN A 92 -1.02 -14.65 -4.47
N PRO A 93 -0.71 -15.95 -4.47
CA PRO A 93 0.68 -16.38 -4.57
C PRO A 93 1.34 -15.96 -5.87
N ASP A 94 0.55 -15.91 -6.94
CA ASP A 94 1.07 -15.49 -8.24
C ASP A 94 1.48 -14.01 -8.19
N TYR A 95 0.57 -13.18 -7.70
CA TYR A 95 0.81 -11.76 -7.54
C TYR A 95 2.03 -11.52 -6.68
N ALA A 96 2.17 -12.32 -5.62
CA ALA A 96 3.25 -12.15 -4.64
C ALA A 96 4.60 -12.47 -5.26
N ALA A 97 4.62 -13.48 -6.13
CA ALA A 97 5.82 -13.81 -6.85
C ALA A 97 6.18 -12.69 -7.84
N ILE A 98 5.16 -12.00 -8.37
CA ILE A 98 5.39 -10.92 -9.32
C ILE A 98 5.98 -9.72 -8.60
N THR A 99 5.38 -9.41 -7.45
CA THR A 99 5.82 -8.34 -6.57
C THR A 99 7.26 -8.47 -6.14
N GLN A 100 7.66 -9.69 -5.79
CA GLN A 100 9.05 -9.95 -5.43
C GLN A 100 9.98 -9.65 -6.59
N GLN A 101 9.65 -10.19 -7.77
CA GLN A 101 10.45 -9.92 -8.98
C GLN A 101 10.58 -8.41 -9.25
N MET A 102 9.47 -7.68 -9.18
CA MET A 102 9.49 -6.24 -9.36
C MET A 102 10.44 -5.56 -8.37
N LEU A 103 10.29 -5.86 -7.08
CA LEU A 103 11.14 -5.27 -6.03
C LEU A 103 12.59 -5.69 -6.15
N ASN A 104 12.82 -6.93 -6.59
CA ASN A 104 14.15 -7.41 -6.94
C ASN A 104 14.78 -6.54 -8.03
N PHE A 105 13.98 -6.27 -9.05
CA PHE A 105 14.39 -5.49 -10.20
C PHE A 105 14.65 -4.03 -9.83
N ALA A 106 13.92 -3.54 -8.84
CA ALA A 106 14.06 -2.17 -8.37
C ALA A 106 15.22 -2.01 -7.39
N GLY A 107 15.81 -3.14 -6.97
CA GLY A 107 16.89 -3.11 -6.01
C GLY A 107 16.37 -2.76 -4.63
N LEU A 108 15.07 -2.95 -4.45
CA LEU A 108 14.40 -2.52 -3.22
C LEU A 108 14.09 -3.72 -2.34
N GLN A 109 14.57 -4.90 -2.72
CA GLN A 109 14.14 -6.13 -2.07
C GLN A 109 14.56 -6.20 -0.60
N ASP A 110 15.56 -5.42 -0.22
CA ASP A 110 16.06 -5.52 1.14
C ASP A 110 15.27 -4.65 2.10
N LYS A 111 14.57 -3.66 1.55
CA LYS A 111 13.70 -2.81 2.36
C LYS A 111 12.34 -3.44 2.59
N VAL A 112 12.04 -4.49 1.82
CA VAL A 112 10.68 -5.00 1.78
C VAL A 112 10.57 -6.47 2.15
N THR A 113 9.54 -6.81 2.92
CA THR A 113 9.21 -8.20 3.16
C THR A 113 7.79 -8.52 2.66
N ILE A 114 7.70 -9.47 1.76
CA ILE A 114 6.42 -9.93 1.25
C ILE A 114 5.86 -11.05 2.12
N LEU A 115 4.64 -10.85 2.60
CA LEU A 115 3.99 -11.86 3.40
C LEU A 115 2.87 -12.48 2.57
N ASN A 116 3.05 -13.75 2.20
CA ASN A 116 2.02 -14.48 1.47
C ASN A 116 0.96 -15.01 2.39
N GLY A 117 -0.23 -14.43 2.31
CA GLY A 117 -1.37 -14.87 3.09
C GLY A 117 -2.48 -13.84 3.08
N ALA A 118 -3.59 -14.15 3.74
CA ALA A 118 -4.70 -13.20 3.86
C ALA A 118 -4.38 -12.23 4.98
N SER A 119 -4.69 -10.96 4.79
CA SER A 119 -4.39 -9.96 5.82
C SER A 119 -5.00 -10.37 7.18
N GLN A 120 -6.25 -10.83 7.16
CA GLN A 120 -6.93 -11.22 8.41
C GLN A 120 -6.20 -12.34 9.13
N ASP A 121 -5.50 -13.16 8.36
CA ASP A 121 -4.73 -14.27 8.93
C ASP A 121 -3.35 -13.82 9.39
N LEU A 122 -2.71 -12.94 8.63
CA LEU A 122 -1.34 -12.53 8.87
C LEU A 122 -1.21 -11.47 9.96
N ILE A 123 -2.16 -10.54 10.02
CA ILE A 123 -2.11 -9.45 11.01
C ILE A 123 -1.93 -9.96 12.47
N PRO A 124 -2.67 -11.00 12.89
CA PRO A 124 -2.50 -11.43 14.29
C PRO A 124 -1.14 -12.09 14.61
N GLN A 125 -0.30 -12.31 13.61
CA GLN A 125 1.01 -12.93 13.84
C GLN A 125 2.17 -11.97 13.62
N LEU A 126 1.87 -10.69 13.42
CA LEU A 126 2.90 -9.72 13.06
C LEU A 126 3.95 -9.54 14.16
N LYS A 127 3.50 -9.31 15.38
CA LYS A 127 4.41 -9.16 16.49
C LYS A 127 5.19 -10.44 16.70
N LYS A 128 4.44 -11.54 16.73
CA LYS A 128 4.96 -12.89 16.93
C LYS A 128 6.03 -13.29 15.90
N LYS A 129 5.68 -13.33 14.62
CA LYS A 129 6.57 -13.90 13.61
C LYS A 129 7.51 -12.88 12.97
N TYR A 130 7.19 -11.59 13.08
CA TYR A 130 7.91 -10.59 12.31
C TYR A 130 8.59 -9.50 13.14
N ASP A 131 8.59 -9.65 14.47
CA ASP A 131 9.23 -8.70 15.39
C ASP A 131 8.71 -7.29 15.16
N VAL A 132 7.40 -7.14 15.21
CA VAL A 132 6.78 -5.84 15.03
C VAL A 132 6.17 -5.42 16.35
N ASP A 133 6.48 -4.20 16.77
CA ASP A 133 5.85 -3.65 17.96
C ASP A 133 4.57 -2.98 17.56
N THR A 134 4.68 -1.77 17.03
CA THR A 134 3.52 -1.09 16.45
C THR A 134 3.89 -0.49 15.10
N LEU A 135 2.87 -0.25 14.29
CA LEU A 135 3.07 0.24 12.94
C LEU A 135 3.12 1.75 12.90
N ASP A 136 4.05 2.29 12.12
CA ASP A 136 4.12 3.72 11.94
C ASP A 136 3.11 4.13 10.89
N MET A 137 2.92 3.28 9.91
CA MET A 137 2.04 3.61 8.82
C MET A 137 1.46 2.38 8.16
N VAL A 138 0.20 2.47 7.74
CA VAL A 138 -0.46 1.39 7.07
C VAL A 138 -1.07 1.88 5.78
N PHE A 139 -0.80 1.17 4.68
CA PHE A 139 -1.44 1.48 3.41
C PHE A 139 -2.48 0.41 3.10
N LEU A 140 -3.76 0.81 3.11
CA LEU A 140 -4.87 -0.08 2.81
C LEU A 140 -5.23 0.00 1.33
N ASP A 141 -5.07 -1.11 0.61
CA ASP A 141 -5.35 -1.11 -0.82
C ASP A 141 -5.69 -2.51 -1.28
N HIS A 142 -6.26 -3.31 -0.39
CA HIS A 142 -6.67 -4.65 -0.78
C HIS A 142 -8.17 -4.65 -1.06
N TRP A 143 -8.86 -5.78 -0.89
CA TRP A 143 -10.28 -5.81 -1.21
C TRP A 143 -11.01 -4.85 -0.29
N LYS A 144 -11.96 -4.12 -0.84
CA LYS A 144 -12.46 -2.94 -0.15
C LYS A 144 -13.31 -3.30 1.06
N ASP A 145 -13.83 -4.53 1.10
CA ASP A 145 -14.64 -4.95 2.23
C ASP A 145 -13.75 -5.31 3.42
N ARG A 146 -12.43 -5.26 3.23
CA ARG A 146 -11.51 -5.65 4.29
C ARG A 146 -10.92 -4.46 5.03
N TYR A 147 -11.12 -3.25 4.51
CA TYR A 147 -10.53 -2.07 5.13
C TYR A 147 -10.97 -1.92 6.58
N LEU A 148 -12.29 -1.86 6.82
CA LEU A 148 -12.79 -1.71 8.19
C LEU A 148 -12.44 -2.92 9.08
N PRO A 149 -12.70 -4.15 8.61
CA PRO A 149 -12.33 -5.30 9.44
C PRO A 149 -10.86 -5.39 9.80
N ASP A 150 -9.97 -5.10 8.84
CA ASP A 150 -8.53 -5.19 9.11
C ASP A 150 -8.07 -4.03 10.00
N THR A 151 -8.81 -2.92 9.99
CA THR A 151 -8.52 -1.80 10.87
C THR A 151 -8.82 -2.20 12.32
N LEU A 152 -9.96 -2.85 12.50
CA LEU A 152 -10.39 -3.31 13.82
C LEU A 152 -9.43 -4.35 14.33
N LEU A 153 -8.99 -5.21 13.43
CA LEU A 153 -8.05 -6.25 13.75
C LEU A 153 -6.68 -5.66 14.14
N LEU A 154 -6.19 -4.70 13.35
CA LEU A 154 -4.92 -4.02 13.64
C LEU A 154 -4.91 -3.35 14.98
N GLU A 155 -6.04 -2.70 15.29
CA GLU A 155 -6.27 -2.05 16.58
C GLU A 155 -6.31 -3.08 17.69
N LYS A 156 -7.06 -4.15 17.45
CA LYS A 156 -7.24 -5.21 18.43
C LYS A 156 -5.93 -5.89 18.78
N CYS A 157 -5.08 -6.08 17.77
CA CYS A 157 -3.82 -6.79 17.96
C CYS A 157 -2.74 -5.89 18.52
N GLY A 158 -3.08 -4.63 18.83
CA GLY A 158 -2.12 -3.71 19.41
C GLY A 158 -1.08 -3.18 18.43
N LEU A 159 -1.43 -3.14 17.14
CA LEU A 159 -0.47 -2.81 16.09
C LEU A 159 -0.44 -1.31 15.76
N LEU A 160 -1.38 -0.57 16.32
CA LEU A 160 -1.46 0.88 16.17
C LEU A 160 -1.00 1.61 17.42
N ARG A 161 -0.39 2.77 17.24
CA ARG A 161 -0.11 3.67 18.34
C ARG A 161 -0.61 5.06 18.01
N LYS A 162 -0.60 5.95 18.99
CA LYS A 162 -0.91 7.36 18.78
C LYS A 162 -0.04 7.90 17.64
N GLY A 163 -0.66 8.25 16.52
CA GLY A 163 0.07 8.88 15.42
C GLY A 163 0.33 7.92 14.29
N THR A 164 -0.04 6.67 14.49
CA THR A 164 0.00 5.72 13.39
C THR A 164 -0.84 6.31 12.27
N VAL A 165 -0.30 6.34 11.07
CA VAL A 165 -1.04 6.87 9.94
C VAL A 165 -1.65 5.71 9.15
N LEU A 166 -2.97 5.73 8.95
CA LEU A 166 -3.62 4.82 7.98
C LEU A 166 -3.85 5.60 6.71
N LEU A 167 -3.45 5.03 5.59
CA LEU A 167 -3.67 5.71 4.34
C LEU A 167 -4.39 4.75 3.42
N ALA A 168 -5.64 5.08 3.10
CA ALA A 168 -6.51 4.17 2.40
C ALA A 168 -6.77 4.63 0.98
N ASP A 169 -6.53 3.75 0.01
CA ASP A 169 -6.88 4.01 -1.38
C ASP A 169 -8.33 3.66 -1.71
N ASN A 170 -8.86 4.29 -2.75
CA ASN A 170 -10.18 3.94 -3.31
C ASN A 170 -11.33 4.14 -2.36
N VAL A 171 -11.35 5.25 -1.65
CA VAL A 171 -12.42 5.41 -0.66
C VAL A 171 -13.64 5.99 -1.33
N ILE A 172 -13.46 6.47 -2.56
CA ILE A 172 -14.58 6.92 -3.39
C ILE A 172 -14.92 5.87 -4.46
N VAL A 173 -13.90 5.38 -5.17
CA VAL A 173 -14.05 4.39 -6.21
C VAL A 173 -12.92 3.39 -6.13
N PRO A 174 -13.25 2.08 -6.05
CA PRO A 174 -14.59 1.51 -5.92
C PRO A 174 -15.32 1.90 -4.63
N GLY A 175 -14.59 2.42 -3.66
CA GLY A 175 -15.24 2.92 -2.46
C GLY A 175 -15.19 1.97 -1.27
N THR A 176 -15.04 2.58 -0.10
CA THR A 176 -14.97 1.87 1.17
C THR A 176 -15.89 2.64 2.12
N PRO A 177 -17.20 2.56 1.88
CA PRO A 177 -18.08 3.50 2.60
C PRO A 177 -18.13 3.19 4.10
N ASP A 178 -18.16 1.91 4.45
CA ASP A 178 -18.22 1.52 5.86
C ASP A 178 -16.95 1.92 6.60
N PHE A 179 -15.79 1.67 6.02
CA PHE A 179 -14.52 2.11 6.60
C PHE A 179 -14.50 3.63 6.82
N LEU A 180 -14.87 4.33 5.76
CA LEU A 180 -14.86 5.78 5.76
C LEU A 180 -15.82 6.36 6.80
N ALA A 181 -17.01 5.78 6.88
CA ALA A 181 -17.97 6.16 7.90
C ALA A 181 -17.40 5.92 9.29
N TYR A 182 -16.71 4.80 9.44
CA TYR A 182 -16.20 4.42 10.74
C TYR A 182 -15.09 5.36 11.22
N VAL A 183 -14.08 5.61 10.38
CA VAL A 183 -12.92 6.36 10.85
C VAL A 183 -13.28 7.82 11.06
N ARG A 184 -14.14 8.33 10.20
CA ARG A 184 -14.62 9.70 10.32
C ARG A 184 -15.44 9.91 11.58
N GLY A 185 -16.24 8.92 11.92
CA GLY A 185 -17.11 9.03 13.07
C GLY A 185 -16.44 8.74 14.40
N SER A 186 -15.39 7.93 14.37
CA SER A 186 -14.68 7.52 15.59
C SER A 186 -13.77 8.65 16.08
N SER A 187 -13.69 8.82 17.40
CA SER A 187 -12.75 9.77 18.00
C SER A 187 -11.33 9.22 17.98
N SER A 188 -11.19 7.95 17.63
CA SER A 188 -9.89 7.28 17.65
C SER A 188 -9.09 7.61 16.41
N PHE A 189 -9.72 8.33 15.49
CA PHE A 189 -9.12 8.62 14.20
C PHE A 189 -9.40 10.05 13.77
N GLU A 190 -8.31 10.77 13.50
CA GLU A 190 -8.42 12.06 12.82
C GLU A 190 -8.26 11.83 11.34
N CYS A 191 -9.25 12.24 10.55
CA CYS A 191 -9.19 11.97 9.12
C CYS A 191 -9.01 13.22 8.25
N THR A 192 -8.38 12.99 7.10
CA THR A 192 -8.23 13.98 6.06
C THR A 192 -8.46 13.28 4.74
N HIS A 193 -9.26 13.90 3.88
CA HIS A 193 -9.50 13.34 2.56
C HIS A 193 -8.60 14.00 1.50
N TYR A 194 -7.92 13.19 0.68
CA TYR A 194 -7.14 13.71 -0.44
C TYR A 194 -7.77 13.33 -1.77
N SER A 195 -8.59 14.23 -2.31
CA SER A 195 -9.25 14.05 -3.59
C SER A 195 -8.26 13.93 -4.74
N SER A 196 -8.45 12.92 -5.57
CA SER A 196 -7.64 12.70 -6.75
C SER A 196 -8.48 12.03 -7.83
N TYR A 197 -7.88 11.04 -8.52
CA TYR A 197 -8.52 10.38 -9.67
C TYR A 197 -8.18 8.91 -9.73
N LEU A 198 -9.13 8.10 -10.16
CA LEU A 198 -8.85 6.68 -10.36
C LEU A 198 -7.69 6.50 -11.34
N GLU A 199 -6.80 5.57 -11.01
CA GLU A 199 -5.67 5.27 -11.86
C GLU A 199 -6.13 4.95 -13.29
N TYR A 200 -5.50 5.64 -14.24
CA TYR A 200 -5.71 5.44 -15.68
C TYR A 200 -7.16 5.77 -16.15
N MET A 201 -7.76 6.82 -15.56
CA MET A 201 -9.09 7.38 -15.97
C MET A 201 -9.55 8.68 -15.23
N LYS A 202 -10.66 9.28 -15.69
CA LYS A 202 -11.18 10.59 -15.22
C LYS A 202 -12.14 10.48 -14.04
N VAL A 203 -12.36 9.26 -13.59
CA VAL A 203 -13.16 9.01 -12.41
C VAL A 203 -12.57 9.63 -11.13
N VAL A 204 -13.34 10.47 -10.45
CA VAL A 204 -12.89 11.02 -9.17
C VAL A 204 -12.75 9.93 -8.10
N ASP A 205 -11.54 9.83 -7.57
CA ASP A 205 -11.31 8.93 -6.45
C ASP A 205 -10.49 9.68 -5.39
N GLY A 206 -10.27 9.08 -4.24
CA GLY A 206 -9.46 9.75 -3.24
C GLY A 206 -8.77 8.80 -2.32
N LEU A 207 -7.84 9.36 -1.55
CA LEU A 207 -7.18 8.65 -0.47
C LEU A 207 -7.67 9.26 0.82
N GLU A 208 -7.92 8.43 1.84
CA GLU A 208 -8.16 8.98 3.16
C GLU A 208 -6.96 8.73 4.06
N LYS A 209 -6.47 9.78 4.70
CA LYS A 209 -5.54 9.61 5.79
C LYS A 209 -6.30 9.60 7.12
N ALA A 210 -6.10 8.54 7.89
CA ALA A 210 -6.74 8.36 9.19
C ALA A 210 -5.67 8.14 10.27
N ILE A 211 -5.41 9.17 11.07
CA ILE A 211 -4.34 9.08 12.04
C ILE A 211 -4.92 8.58 13.34
N TYR A 212 -4.33 7.54 13.89
CA TYR A 212 -4.86 6.95 15.11
C TYR A 212 -4.54 7.79 16.32
N GLN A 213 -5.53 7.95 17.21
CA GLN A 213 -5.42 8.81 18.38
C GLN A 213 -5.28 8.00 19.67
N GLY A 214 -5.40 6.68 19.57
CA GLY A 214 -5.47 5.87 20.76
C GLY A 214 -6.92 5.61 21.11
N PRO A 215 -7.15 4.70 22.08
CA PRO A 215 -8.51 4.32 22.51
C PRO A 215 -9.26 5.44 23.23
N SER A 216 -10.51 5.18 23.61
CA SER A 216 -11.35 6.21 24.24
C SER A 216 -11.18 6.26 25.76
#